data_7N0E
#
_entry.id   7N0E
#
_cell.length_a   103.360
_cell.length_b   103.360
_cell.length_c   61.960
_cell.angle_alpha   90.000
_cell.angle_beta   90.000
_cell.angle_gamma   120.000
#
_symmetry.space_group_name_H-M   'P 31 2 1'
#
loop_
_entity.id
_entity.type
_entity.pdbx_description
1 polymer 'Histidine kinase'
2 polymer 'Histidine kinase'
3 water water
#
loop_
_entity_poly.entity_id
_entity_poly.type
_entity_poly.pdbx_seq_one_letter_code
_entity_poly.pdbx_strand_id
1 'polypeptide(L)'
;KAEFLAKISHEIRTP(MSE)NGVLG(MSE)TELLLGTPLSAKQRDYVQTIHSAGNELLTLINEILDISKLESGQIELDEV
QFDLNALIEDCLDIFRVKAEQQRIELISFTQPQVPRVIGGDPTRLRQVVLSLLDNAFKQTEEGEILLVVALDDQGETPRL
RIAVQDSGHPFDAKEREALLTAELHSGDFLSASKLGSHLGLIIARQLVRL(MSE)GGEFGIQSGSSQGTTLSLTLPL
;
B
2 'polypeptide(L)' SEFLANMSHEIRTPLNGILGFTNLLQKSELSPRQQDYLTTIQKSAESLLGIINEILDFSK A
#
# COMPACT_ATOMS: atom_id res chain seq x y z
N LYS A 1 13.44 16.38 -7.50
CA LYS A 1 12.95 16.02 -6.17
C LYS A 1 12.77 14.53 -5.96
N ALA A 2 12.66 13.76 -7.05
CA ALA A 2 12.45 12.32 -6.94
C ALA A 2 13.60 11.63 -6.22
N GLU A 3 14.82 12.15 -6.34
CA GLU A 3 15.96 11.57 -5.64
C GLU A 3 15.98 11.94 -4.17
N PHE A 4 15.24 12.99 -3.79
CA PHE A 4 15.14 13.34 -2.38
C PHE A 4 14.24 12.36 -1.63
N LEU A 5 13.08 12.02 -2.21
CA LEU A 5 12.27 10.96 -1.63
C LEU A 5 13.04 9.65 -1.55
N ALA A 6 13.62 9.21 -2.66
CA ALA A 6 14.34 7.93 -2.66
C ALA A 6 15.37 7.90 -1.55
N LYS A 7 16.04 9.02 -1.30
CA LYS A 7 17.00 9.10 -0.20
C LYS A 7 16.28 8.98 1.15
N ILE A 8 15.14 9.63 1.29
CA ILE A 8 14.37 9.55 2.53
C ILE A 8 13.84 8.14 2.75
N SER A 9 13.07 7.63 1.78
CA SER A 9 12.51 6.30 1.91
C SER A 9 13.59 5.25 2.16
N HIS A 10 14.79 5.45 1.60
CA HIS A 10 15.89 4.53 1.90
C HIS A 10 16.25 4.60 3.38
N GLU A 11 16.55 5.81 3.87
CA GLU A 11 16.85 5.98 5.29
C GLU A 11 15.77 5.39 6.17
N ILE A 12 14.51 5.44 5.73
CA ILE A 12 13.45 4.87 6.54
C ILE A 12 13.40 3.36 6.38
N ARG A 13 13.70 2.84 5.19
CA ARG A 13 13.62 1.38 5.00
C ARG A 13 14.59 0.65 5.93
N THR A 14 15.83 1.11 6.03
CA THR A 14 16.83 0.33 6.76
C THR A 14 16.41 -0.01 8.18
N PRO A 15 16.01 0.94 9.02
CA PRO A 15 15.60 0.54 10.39
C PRO A 15 14.38 -0.36 10.42
N ASN A 17 13.42 -2.76 8.21
CA ASN A 17 13.92 -4.12 8.08
C ASN A 17 14.62 -4.58 9.36
N GLY A 18 15.23 -3.65 10.09
CA GLY A 18 15.79 -4.00 11.38
C GLY A 18 14.73 -4.46 12.36
N VAL A 19 13.60 -3.74 12.40
CA VAL A 19 12.49 -4.13 13.27
C VAL A 19 11.95 -5.50 12.85
N LEU A 20 11.66 -5.66 11.55
CA LEU A 20 11.07 -6.91 11.09
C LEU A 20 12.01 -8.09 11.34
N GLY A 21 13.30 -7.93 11.04
CA GLY A 21 14.24 -9.00 11.30
C GLY A 21 14.22 -9.45 12.74
N THR A 23 11.72 -8.97 14.99
CA THR A 23 10.45 -9.64 15.25
C THR A 23 10.45 -11.05 14.68
N GLU A 24 11.02 -11.23 13.49
CA GLU A 24 11.09 -12.56 12.89
C GLU A 24 11.80 -13.53 13.81
N LEU A 25 12.95 -13.11 14.36
CA LEU A 25 13.69 -13.97 15.29
C LEU A 25 12.90 -14.16 16.58
N LEU A 26 12.25 -13.12 17.07
CA LEU A 26 11.45 -13.26 18.29
C LEU A 26 10.34 -14.29 18.12
N LEU A 27 9.70 -14.33 16.94
CA LEU A 27 8.67 -15.33 16.70
C LEU A 27 9.22 -16.75 16.81
N GLY A 28 10.53 -16.93 16.67
CA GLY A 28 11.14 -18.23 16.75
C GLY A 28 11.61 -18.66 18.13
N THR A 29 11.41 -17.84 19.15
CA THR A 29 11.85 -18.15 20.50
C THR A 29 10.63 -18.33 21.39
N PRO A 30 10.76 -19.06 22.51
CA PRO A 30 9.62 -19.27 23.41
C PRO A 30 8.91 -17.99 23.81
N LEU A 31 7.60 -17.92 23.53
CA LEU A 31 6.77 -16.76 23.87
C LEU A 31 5.46 -17.26 24.43
N SER A 32 4.91 -16.52 25.40
CA SER A 32 3.56 -16.79 25.85
C SER A 32 2.55 -16.33 24.80
N ALA A 33 1.33 -16.83 24.92
CA ALA A 33 0.28 -16.48 23.96
C ALA A 33 0.15 -14.97 23.82
N LYS A 34 0.25 -14.25 24.93
CA LYS A 34 0.11 -12.78 24.89
C LYS A 34 1.34 -12.16 24.25
N GLN A 35 2.54 -12.57 24.68
CA GLN A 35 3.76 -12.07 24.05
C GLN A 35 3.73 -12.28 22.54
N ARG A 36 3.40 -13.50 22.10
CA ARG A 36 3.37 -13.78 20.67
C ARG A 36 2.35 -12.90 19.96
N ASP A 37 1.22 -12.61 20.61
CA ASP A 37 0.24 -11.70 20.04
C ASP A 37 0.85 -10.32 19.81
N TYR A 38 1.57 -9.82 20.81
CA TYR A 38 2.24 -8.53 20.67
C TYR A 38 3.25 -8.58 19.52
N VAL A 39 4.11 -9.59 19.50
CA VAL A 39 5.16 -9.66 18.48
C VAL A 39 4.53 -9.81 17.09
N GLN A 40 3.50 -10.65 16.98
CA GLN A 40 2.82 -10.78 15.70
C GLN A 40 2.19 -9.46 15.28
N THR A 41 1.69 -8.68 16.24
CA THR A 41 1.12 -7.39 15.89
C THR A 41 2.21 -6.42 15.41
N ILE A 42 3.36 -6.43 16.07
CA ILE A 42 4.47 -5.61 15.61
C ILE A 42 4.90 -6.04 14.22
N HIS A 43 4.89 -7.35 13.95
CA HIS A 43 5.36 -7.84 12.66
C HIS A 43 4.40 -7.47 11.54
N SER A 44 3.09 -7.60 11.79
CA SER A 44 2.10 -7.23 10.78
C SER A 44 2.18 -5.75 10.46
N ALA A 45 2.10 -4.89 11.49
CA ALA A 45 2.20 -3.46 11.27
C ALA A 45 3.52 -3.09 10.59
N GLY A 46 4.59 -3.78 10.95
CA GLY A 46 5.88 -3.49 10.33
C GLY A 46 5.89 -3.79 8.85
N ASN A 47 5.32 -4.94 8.46
CA ASN A 47 5.29 -5.29 7.04
C ASN A 47 4.41 -4.34 6.24
N GLU A 48 3.21 -4.02 6.73
CA GLU A 48 2.40 -3.03 6.04
C GLU A 48 3.18 -1.74 5.84
N LEU A 49 3.95 -1.35 6.86
CA LEU A 49 4.67 -0.08 6.81
C LEU A 49 5.90 -0.17 5.92
N LEU A 50 6.55 -1.33 5.88
CA LEU A 50 7.65 -1.53 4.93
C LEU A 50 7.13 -1.57 3.50
N THR A 51 5.98 -2.22 3.29
CA THR A 51 5.38 -2.26 1.95
C THR A 51 5.16 -0.86 1.40
N LEU A 52 4.53 0.00 2.19
CA LEU A 52 4.31 1.38 1.75
C LEU A 52 5.63 2.07 1.44
N ILE A 53 6.62 1.94 2.34
CA ILE A 53 7.90 2.60 2.13
C ILE A 53 8.55 2.12 0.85
N ASN A 54 8.54 0.81 0.61
CA ASN A 54 9.09 0.29 -0.64
C ASN A 54 8.34 0.82 -1.85
N GLU A 55 7.03 1.01 -1.74
CA GLU A 55 6.27 1.61 -2.83
C GLU A 55 6.65 3.07 -3.03
N ILE A 56 6.96 3.78 -1.94
CA ILE A 56 7.43 5.15 -2.06
C ILE A 56 8.81 5.18 -2.71
N LEU A 57 9.70 4.29 -2.30
CA LEU A 57 11.01 4.20 -2.94
C LEU A 57 10.87 3.77 -4.41
N ASP A 58 9.97 2.83 -4.68
CA ASP A 58 9.80 2.34 -6.04
C ASP A 58 9.40 3.45 -6.99
N ILE A 59 8.40 4.26 -6.61
CA ILE A 59 7.95 5.32 -7.50
C ILE A 59 9.03 6.39 -7.63
N SER A 60 9.73 6.69 -6.54
CA SER A 60 10.80 7.69 -6.59
C SER A 60 11.89 7.26 -7.57
N LYS A 61 12.29 5.99 -7.52
CA LYS A 61 13.27 5.48 -8.48
C LYS A 61 12.75 5.58 -9.91
N LEU A 62 11.46 5.28 -10.11
CA LEU A 62 10.90 5.37 -11.45
C LEU A 62 10.93 6.81 -11.97
N GLU A 63 10.60 7.78 -11.12
CA GLU A 63 10.57 9.16 -11.58
C GLU A 63 11.96 9.75 -11.71
N SER A 64 12.93 9.21 -10.98
CA SER A 64 14.32 9.64 -11.10
C SER A 64 15.05 8.98 -12.26
N GLY A 65 14.33 8.26 -13.13
CA GLY A 65 14.98 7.59 -14.25
C GLY A 65 15.95 6.50 -13.83
N GLN A 66 15.82 6.02 -12.60
CA GLN A 66 16.77 5.14 -11.96
C GLN A 66 16.42 3.66 -12.18
N ILE A 67 15.13 3.38 -12.37
CA ILE A 67 14.64 2.13 -12.91
C ILE A 67 13.54 2.46 -13.91
N GLU A 68 12.98 1.44 -14.56
CA GLU A 68 11.92 1.66 -15.53
C GLU A 68 10.82 0.62 -15.34
N LEU A 69 9.69 0.86 -16.00
CA LEU A 69 8.55 -0.03 -15.94
C LEU A 69 8.84 -1.35 -16.66
N ASP A 70 8.04 -2.35 -16.35
CA ASP A 70 8.08 -3.64 -17.03
C ASP A 70 7.00 -3.68 -18.10
N GLU A 71 7.33 -4.28 -19.25
CA GLU A 71 6.43 -4.35 -20.40
C GLU A 71 6.38 -5.81 -20.85
N VAL A 72 5.41 -6.57 -20.35
CA VAL A 72 5.30 -7.99 -20.67
C VAL A 72 3.84 -8.33 -20.88
N GLN A 73 3.58 -9.27 -21.77
CA GLN A 73 2.22 -9.78 -21.98
C GLN A 73 1.78 -10.59 -20.76
N PHE A 74 0.47 -10.55 -20.48
CA PHE A 74 0.05 -10.92 -19.13
C PHE A 74 -1.47 -11.01 -19.11
N ASP A 75 -1.99 -11.92 -18.29
CA ASP A 75 -3.43 -12.18 -18.30
C ASP A 75 -4.13 -11.14 -17.45
N LEU A 76 -4.81 -10.20 -18.10
CA LEU A 76 -5.48 -9.13 -17.36
C LEU A 76 -6.53 -9.69 -16.42
N ASN A 77 -7.40 -10.56 -16.93
CA ASN A 77 -8.50 -11.07 -16.10
C ASN A 77 -7.96 -11.80 -14.87
N ALA A 78 -6.89 -12.58 -15.04
CA ALA A 78 -6.28 -13.26 -13.91
C ALA A 78 -5.80 -12.25 -12.87
N LEU A 79 -5.11 -11.21 -13.31
CA LEU A 79 -4.70 -10.14 -12.41
C LEU A 79 -5.90 -9.53 -11.69
N ILE A 80 -6.91 -9.09 -12.46
CA ILE A 80 -8.13 -8.54 -11.86
C ILE A 80 -8.71 -9.51 -10.84
N GLU A 81 -8.80 -10.79 -11.21
CA GLU A 81 -9.45 -11.80 -10.39
C GLU A 81 -8.56 -12.25 -9.23
N ASP A 82 -7.25 -11.99 -9.31
CA ASP A 82 -6.39 -12.18 -8.15
C ASP A 82 -6.58 -11.05 -7.14
N CYS A 83 -6.80 -9.83 -7.64
CA CYS A 83 -7.00 -8.69 -6.74
C CYS A 83 -8.34 -8.77 -6.02
N LEU A 84 -9.38 -9.24 -6.71
CA LEU A 84 -10.69 -9.36 -6.10
C LEU A 84 -10.71 -10.45 -5.03
N ASP A 85 -9.96 -11.54 -5.24
CA ASP A 85 -9.90 -12.59 -4.24
C ASP A 85 -9.21 -12.09 -2.98
N ILE A 86 -8.26 -11.16 -3.11
CA ILE A 86 -7.66 -10.56 -1.92
C ILE A 86 -8.70 -9.82 -1.09
N PHE A 87 -9.72 -9.24 -1.72
CA PHE A 87 -10.74 -8.46 -1.04
C PHE A 87 -12.06 -9.20 -0.89
N ARG A 88 -12.19 -10.43 -1.41
CA ARG A 88 -13.40 -11.22 -1.07
C ARG A 88 -13.53 -11.38 0.44
N VAL A 89 -12.48 -11.89 1.11
CA VAL A 89 -12.54 -12.15 2.54
C VAL A 89 -12.95 -10.92 3.34
N LYS A 90 -12.56 -9.72 2.88
CA LYS A 90 -12.91 -8.49 3.59
C LYS A 90 -14.29 -7.99 3.21
N ALA A 91 -14.82 -8.39 2.05
CA ALA A 91 -16.16 -8.00 1.67
C ALA A 91 -17.23 -8.71 2.48
N GLU A 92 -16.88 -9.81 3.15
CA GLU A 92 -17.81 -10.52 4.01
C GLU A 92 -17.54 -10.31 5.50
N GLN A 93 -16.32 -9.90 5.88
CA GLN A 93 -16.16 -9.31 7.20
C GLN A 93 -16.83 -7.94 7.26
N GLN A 94 -16.51 -7.07 6.30
CA GLN A 94 -17.23 -5.81 6.13
C GLN A 94 -18.40 -6.12 5.18
N ARG A 95 -19.60 -6.26 5.74
CA ARG A 95 -20.79 -6.69 4.97
C ARG A 95 -20.94 -5.95 3.65
N ILE A 96 -19.97 -6.10 2.76
CA ILE A 96 -19.95 -5.40 1.48
C ILE A 96 -20.23 -6.40 0.36
N GLU A 97 -20.96 -5.95 -0.65
CA GLU A 97 -21.20 -6.73 -1.86
C GLU A 97 -20.16 -6.31 -2.89
N LEU A 98 -19.11 -7.12 -3.05
CA LEU A 98 -18.04 -6.81 -4.00
C LEU A 98 -18.37 -7.48 -5.33
N ILE A 99 -18.51 -6.66 -6.38
CA ILE A 99 -18.91 -7.16 -7.69
C ILE A 99 -17.83 -6.78 -8.68
N SER A 100 -17.72 -7.58 -9.74
CA SER A 100 -16.84 -7.27 -10.86
C SER A 100 -17.61 -7.46 -12.16
N PHE A 101 -17.15 -6.76 -13.21
CA PHE A 101 -17.84 -6.79 -14.50
C PHE A 101 -16.84 -6.38 -15.58
N THR A 102 -16.26 -7.36 -16.26
CA THR A 102 -15.41 -7.10 -17.41
C THR A 102 -16.26 -7.06 -18.66
N GLN A 103 -16.03 -6.05 -19.51
CA GLN A 103 -16.84 -5.89 -20.71
C GLN A 103 -16.64 -7.01 -21.72
N PRO A 104 -17.44 -7.01 -22.79
CA PRO A 104 -17.31 -8.06 -23.82
C PRO A 104 -16.02 -7.92 -24.60
N GLN A 105 -15.77 -6.70 -25.08
CA GLN A 105 -14.72 -6.45 -26.04
C GLN A 105 -13.33 -6.38 -25.41
N VAL A 106 -13.21 -6.53 -24.10
CA VAL A 106 -11.89 -6.37 -23.45
C VAL A 106 -11.02 -7.57 -23.80
N PRO A 107 -9.77 -7.38 -24.21
CA PRO A 107 -8.89 -8.52 -24.45
C PRO A 107 -8.49 -9.20 -23.15
N ARG A 108 -8.15 -10.48 -23.26
CA ARG A 108 -7.74 -11.23 -22.08
C ARG A 108 -6.30 -10.89 -21.71
N VAL A 109 -5.43 -10.76 -22.71
CA VAL A 109 -4.01 -10.54 -22.52
C VAL A 109 -3.67 -9.16 -23.04
N ILE A 110 -2.81 -8.45 -22.31
CA ILE A 110 -2.36 -7.11 -22.70
C ILE A 110 -0.90 -6.95 -22.26
N GLY A 111 -0.26 -5.88 -22.74
CA GLY A 111 1.11 -5.58 -22.38
C GLY A 111 1.18 -4.44 -21.37
N GLY A 112 2.12 -4.56 -20.44
CA GLY A 112 2.28 -3.56 -19.41
C GLY A 112 3.09 -4.13 -18.25
N ASP A 113 3.07 -3.39 -17.15
CA ASP A 113 3.78 -3.80 -15.95
C ASP A 113 2.79 -4.47 -15.00
N PRO A 114 2.77 -5.81 -14.93
CA PRO A 114 1.72 -6.49 -14.13
C PRO A 114 1.79 -6.18 -12.65
N THR A 115 2.97 -6.37 -12.07
CA THR A 115 3.13 -6.20 -10.63
C THR A 115 2.77 -4.79 -10.18
N ARG A 116 3.06 -3.78 -11.01
CA ARG A 116 2.74 -2.41 -10.61
C ARG A 116 1.27 -2.08 -10.90
N LEU A 117 0.73 -2.59 -12.01
CA LEU A 117 -0.71 -2.46 -12.22
C LEU A 117 -1.49 -3.11 -11.08
N ARG A 118 -1.01 -4.26 -10.61
CA ARG A 118 -1.65 -4.92 -9.47
C ARG A 118 -1.67 -3.99 -8.27
N GLN A 119 -0.53 -3.35 -8.00
CA GLN A 119 -0.45 -2.34 -6.95
C GLN A 119 -1.50 -1.26 -7.12
N VAL A 120 -1.73 -0.82 -8.36
CA VAL A 120 -2.68 0.26 -8.60
C VAL A 120 -4.10 -0.18 -8.25
N VAL A 121 -4.57 -1.25 -8.87
CA VAL A 121 -5.96 -1.67 -8.68
C VAL A 121 -6.21 -2.02 -7.22
N LEU A 122 -5.25 -2.67 -6.56
CA LEU A 122 -5.38 -2.93 -5.13
C LEU A 122 -5.48 -1.63 -4.34
N SER A 123 -4.79 -0.59 -4.78
CA SER A 123 -4.86 0.69 -4.09
C SER A 123 -6.25 1.30 -4.21
N LEU A 124 -6.85 1.21 -5.40
CA LEU A 124 -8.20 1.73 -5.59
C LEU A 124 -9.22 0.92 -4.80
N LEU A 125 -9.06 -0.41 -4.77
CA LEU A 125 -9.93 -1.23 -3.94
C LEU A 125 -9.76 -0.89 -2.46
N ASP A 126 -8.51 -0.78 -2.01
CA ASP A 126 -8.26 -0.43 -0.62
C ASP A 126 -8.95 0.87 -0.24
N ASN A 127 -8.75 1.92 -1.04
CA ASN A 127 -9.50 3.15 -0.84
C ASN A 127 -10.99 2.86 -0.73
N ALA A 128 -11.50 2.04 -1.66
CA ALA A 128 -12.93 1.86 -1.79
C ALA A 128 -13.54 1.30 -0.51
N PHE A 129 -12.95 0.24 0.05
CA PHE A 129 -13.59 -0.29 1.25
C PHE A 129 -13.49 0.72 2.39
N LYS A 130 -12.37 1.42 2.50
CA LYS A 130 -12.19 2.35 3.60
C LYS A 130 -13.17 3.52 3.53
N GLN A 131 -13.73 3.81 2.35
CA GLN A 131 -14.75 4.84 2.20
C GLN A 131 -16.16 4.28 2.23
N THR A 132 -16.33 2.97 2.18
CA THR A 132 -17.64 2.33 2.08
C THR A 132 -18.04 1.75 3.43
N GLU A 133 -19.35 1.73 3.69
CA GLU A 133 -19.91 1.09 4.88
C GLU A 133 -21.15 0.31 4.46
N GLU A 134 -21.08 -1.02 4.51
CA GLU A 134 -22.22 -1.88 4.19
C GLU A 134 -22.94 -1.41 2.92
N GLY A 135 -22.14 -1.13 1.89
CA GLY A 135 -22.67 -0.79 0.60
C GLY A 135 -22.19 -1.76 -0.47
N GLU A 136 -22.14 -1.30 -1.72
CA GLU A 136 -21.67 -2.11 -2.84
C GLU A 136 -20.39 -1.48 -3.40
N ILE A 137 -19.42 -2.33 -3.74
CA ILE A 137 -18.20 -1.90 -4.41
C ILE A 137 -18.15 -2.59 -5.77
N LEU A 138 -18.06 -1.78 -6.82
CA LEU A 138 -18.16 -2.26 -8.20
C LEU A 138 -16.87 -1.97 -8.94
N LEU A 139 -16.14 -3.02 -9.30
CA LEU A 139 -14.95 -2.91 -10.14
C LEU A 139 -15.36 -3.20 -11.58
N VAL A 140 -15.05 -2.29 -12.49
CA VAL A 140 -15.43 -2.42 -13.89
C VAL A 140 -14.17 -2.37 -14.74
N VAL A 141 -14.07 -3.33 -15.66
CA VAL A 141 -13.00 -3.35 -16.66
C VAL A 141 -13.67 -3.19 -18.02
N ALA A 142 -13.30 -2.14 -18.74
CA ALA A 142 -13.97 -1.80 -19.99
C ALA A 142 -12.96 -1.21 -20.95
N LEU A 143 -13.45 -0.82 -22.14
CA LEU A 143 -12.65 -0.15 -23.14
C LEU A 143 -13.14 1.29 -23.30
N ASP A 144 -12.20 2.19 -23.61
CA ASP A 144 -12.48 3.62 -23.71
C ASP A 144 -11.92 4.09 -25.04
N ASP A 145 -12.73 4.01 -26.09
CA ASP A 145 -12.29 4.38 -27.43
C ASP A 145 -12.23 5.88 -27.64
N GLN A 146 -12.49 6.69 -26.60
CA GLN A 146 -12.46 8.14 -26.73
C GLN A 146 -11.01 8.60 -26.69
N GLY A 147 -10.51 9.07 -27.83
CA GLY A 147 -9.12 9.48 -27.93
C GLY A 147 -8.32 8.62 -28.89
N GLU A 148 -8.83 8.47 -30.12
CA GLU A 148 -8.13 7.73 -31.18
C GLU A 148 -8.10 6.24 -30.88
N THR A 149 -6.92 5.72 -30.49
CA THR A 149 -6.80 4.28 -30.26
C THR A 149 -7.70 3.84 -29.11
N PRO A 150 -8.24 2.62 -29.18
CA PRO A 150 -9.01 2.11 -28.04
C PRO A 150 -8.11 1.92 -26.82
N ARG A 151 -8.65 2.26 -25.65
CA ARG A 151 -7.89 2.25 -24.42
C ARG A 151 -8.62 1.46 -23.35
N LEU A 152 -7.84 0.78 -22.50
CA LEU A 152 -8.41 0.06 -21.38
C LEU A 152 -8.82 1.02 -20.27
N ARG A 153 -9.98 0.75 -19.69
CA ARG A 153 -10.52 1.52 -18.56
C ARG A 153 -10.78 0.56 -17.41
N ILE A 154 -10.20 0.87 -16.25
CA ILE A 154 -10.44 0.13 -15.02
C ILE A 154 -11.00 1.12 -14.00
N ALA A 155 -12.20 0.85 -13.50
CA ALA A 155 -12.87 1.75 -12.57
C ALA A 155 -13.38 0.99 -11.37
N VAL A 156 -13.37 1.66 -10.22
CA VAL A 156 -13.87 1.12 -8.96
C VAL A 156 -14.76 2.19 -8.35
N GLN A 157 -16.08 1.93 -8.29
CA GLN A 157 -16.96 2.89 -7.64
C GLN A 157 -17.43 2.32 -6.31
N ASP A 158 -17.63 3.21 -5.35
CA ASP A 158 -17.97 2.85 -3.98
C ASP A 158 -19.12 3.72 -3.51
N SER A 159 -19.81 3.26 -2.47
CA SER A 159 -20.98 3.96 -1.95
C SER A 159 -20.72 4.52 -0.56
N HIS A 190 -4.86 7.50 1.72
CA HIS A 190 -5.05 8.14 0.43
C HIS A 190 -3.66 8.45 -0.14
N LEU A 191 -2.62 7.95 0.55
CA LEU A 191 -1.24 8.16 0.11
C LEU A 191 -0.84 7.08 -0.89
N GLY A 192 -1.31 5.85 -0.67
CA GLY A 192 -1.16 4.83 -1.69
C GLY A 192 -1.93 5.15 -2.96
N LEU A 193 -2.97 5.98 -2.83
CA LEU A 193 -3.74 6.39 -3.99
C LEU A 193 -2.98 7.45 -4.78
N ILE A 194 -2.20 8.27 -4.09
CA ILE A 194 -1.31 9.22 -4.74
C ILE A 194 -0.18 8.49 -5.47
N ILE A 195 0.38 7.45 -4.84
CA ILE A 195 1.39 6.65 -5.51
C ILE A 195 0.77 5.93 -6.71
N ALA A 196 -0.47 5.48 -6.57
CA ALA A 196 -1.15 4.82 -7.69
C ALA A 196 -1.32 5.78 -8.85
N ARG A 197 -1.64 7.05 -8.56
CA ARG A 197 -1.86 8.01 -9.65
C ARG A 197 -0.57 8.32 -10.38
N GLN A 198 0.55 8.41 -9.66
CA GLN A 198 1.82 8.64 -10.32
C GLN A 198 2.18 7.47 -11.24
N LEU A 199 1.92 6.24 -10.78
CA LEU A 199 2.20 5.07 -11.62
C LEU A 199 1.39 5.12 -12.92
N VAL A 200 0.10 5.43 -12.81
CA VAL A 200 -0.75 5.50 -14.00
C VAL A 200 -0.20 6.54 -14.98
N ARG A 201 0.30 7.67 -14.45
CA ARG A 201 0.85 8.70 -15.33
C ARG A 201 2.12 8.22 -16.01
N LEU A 202 3.03 7.57 -15.29
CA LEU A 202 4.20 7.00 -15.94
C LEU A 202 3.80 5.90 -16.93
N GLY A 204 1.60 6.16 -18.92
CA GLY A 204 1.04 6.85 -20.06
C GLY A 204 -0.47 6.93 -20.05
N GLY A 205 -1.10 6.72 -18.89
CA GLY A 205 -2.53 6.75 -18.78
C GLY A 205 -3.06 8.03 -18.13
N GLU A 206 -4.38 8.06 -17.97
CA GLU A 206 -5.06 9.11 -17.23
C GLU A 206 -5.69 8.50 -15.98
N PHE A 207 -5.91 9.33 -14.97
CA PHE A 207 -6.54 8.84 -13.76
C PHE A 207 -7.45 9.92 -13.21
N GLY A 208 -8.72 9.52 -13.06
CA GLY A 208 -9.78 10.44 -12.78
C GLY A 208 -10.62 10.00 -11.60
N ILE A 209 -11.46 10.93 -11.16
CA ILE A 209 -12.26 10.81 -9.95
C ILE A 209 -13.66 11.28 -10.30
N GLN A 210 -14.65 10.41 -10.13
CA GLN A 210 -16.05 10.79 -10.27
C GLN A 210 -16.79 10.67 -8.95
N SER A 211 -17.82 11.48 -8.79
CA SER A 211 -18.62 11.48 -7.57
C SER A 211 -19.97 12.14 -7.85
N GLY A 212 -21.03 11.49 -7.43
CA GLY A 212 -22.36 12.08 -7.46
C GLY A 212 -23.12 11.67 -6.22
N SER A 213 -24.04 12.55 -5.80
CA SER A 213 -24.78 12.30 -4.57
C SER A 213 -25.44 10.93 -4.58
N SER A 214 -25.96 10.51 -5.73
CA SER A 214 -26.64 9.22 -5.85
C SER A 214 -25.71 8.10 -6.30
N GLN A 215 -24.64 8.42 -7.00
CA GLN A 215 -23.83 7.43 -7.69
C GLN A 215 -22.59 7.01 -6.91
N GLY A 216 -22.34 7.61 -5.75
CA GLY A 216 -21.13 7.31 -5.02
C GLY A 216 -19.91 7.90 -5.72
N THR A 217 -18.74 7.45 -5.26
CA THR A 217 -17.46 7.91 -5.78
C THR A 217 -16.83 6.82 -6.64
N THR A 218 -16.26 7.22 -7.78
CA THR A 218 -15.67 6.28 -8.72
C THR A 218 -14.25 6.71 -9.04
N LEU A 219 -13.30 5.82 -8.77
CA LEU A 219 -11.90 5.99 -9.14
C LEU A 219 -11.62 5.17 -10.39
N SER A 220 -11.01 5.79 -11.40
CA SER A 220 -10.79 5.14 -12.68
C SER A 220 -9.39 5.43 -13.19
N LEU A 221 -8.94 4.60 -14.14
CA LEU A 221 -7.59 4.71 -14.68
C LEU A 221 -7.62 4.17 -16.11
N THR A 222 -7.37 5.05 -17.08
CA THR A 222 -7.40 4.72 -18.50
C THR A 222 -5.98 4.65 -19.02
N LEU A 223 -5.64 3.52 -19.63
CA LEU A 223 -4.27 3.20 -20.02
C LEU A 223 -4.19 3.00 -21.52
N PRO A 224 -3.00 3.09 -22.11
CA PRO A 224 -2.86 2.74 -23.53
C PRO A 224 -2.80 1.24 -23.75
N LEU A 225 -3.33 0.82 -24.89
CA LEU A 225 -3.27 -0.59 -25.29
C LEU A 225 -2.19 -0.80 -26.35
N SER B 1 5.41 21.40 2.02
CA SER B 1 4.93 20.25 1.25
C SER B 1 4.00 19.40 2.10
N GLU B 2 2.83 19.07 1.54
CA GLU B 2 1.82 18.34 2.30
C GLU B 2 2.08 16.84 2.27
N PHE B 3 2.77 16.36 1.23
CA PHE B 3 3.06 14.94 1.10
C PHE B 3 3.95 14.44 2.24
N LEU B 4 5.05 15.14 2.49
CA LEU B 4 5.94 14.80 3.59
C LEU B 4 5.21 14.75 4.92
N ALA B 5 4.36 15.73 5.18
CA ALA B 5 3.56 15.70 6.41
C ALA B 5 2.64 14.48 6.42
N ASN B 6 1.96 14.23 5.30
CA ASN B 6 1.10 13.05 5.22
C ASN B 6 1.92 11.77 5.37
N MET B 7 3.07 11.69 4.69
CA MET B 7 3.93 10.54 4.82
C MET B 7 4.38 10.34 6.26
N SER B 8 4.74 11.43 6.94
CA SER B 8 5.18 11.31 8.33
C SER B 8 4.07 10.78 9.21
N HIS B 9 2.88 11.39 9.13
CA HIS B 9 1.74 10.95 9.93
C HIS B 9 1.38 9.51 9.59
N GLU B 10 1.39 9.15 8.31
CA GLU B 10 1.07 7.79 7.90
C GLU B 10 2.03 6.80 8.54
N ILE B 11 3.30 7.20 8.68
CA ILE B 11 4.30 6.32 9.28
C ILE B 11 4.26 6.39 10.79
N ARG B 12 4.05 7.58 11.34
CA ARG B 12 4.12 7.77 12.78
C ARG B 12 3.15 6.85 13.52
N THR B 13 1.89 6.82 13.06
CA THR B 13 0.87 6.11 13.82
C THR B 13 1.18 4.64 14.01
N PRO B 14 1.46 3.85 12.96
CA PRO B 14 1.95 2.49 13.21
C PRO B 14 3.21 2.47 14.06
N LEU B 15 4.06 3.49 13.91
CA LEU B 15 5.36 3.46 14.56
C LEU B 15 5.20 3.59 16.08
N ASN B 16 4.32 4.48 16.54
CA ASN B 16 4.02 4.54 17.96
C ASN B 16 3.38 3.25 18.45
N GLY B 17 2.61 2.58 17.61
CA GLY B 17 2.10 1.27 17.98
C GLY B 17 3.20 0.25 18.15
N ILE B 18 4.15 0.23 17.20
CA ILE B 18 5.32 -0.63 17.34
C ILE B 18 5.99 -0.39 18.69
N LEU B 19 6.36 0.86 18.95
CA LEU B 19 6.99 1.20 20.22
C LEU B 19 6.10 0.80 21.39
N GLY B 20 4.79 1.02 21.27
CA GLY B 20 3.89 0.66 22.35
C GLY B 20 3.97 -0.81 22.69
N PHE B 21 3.82 -1.68 21.68
CA PHE B 21 3.90 -3.12 21.93
C PHE B 21 5.30 -3.52 22.36
N THR B 22 6.33 -2.91 21.77
CA THR B 22 7.70 -3.20 22.20
C THR B 22 7.87 -2.91 23.68
N ASN B 23 7.43 -1.74 24.13
CA ASN B 23 7.47 -1.44 25.56
C ASN B 23 6.79 -2.53 26.37
N LEU B 24 5.54 -2.85 26.01
CA LEU B 24 4.79 -3.87 26.74
C LEU B 24 5.58 -5.16 26.84
N LEU B 25 6.16 -5.61 25.73
CA LEU B 25 6.98 -6.81 25.74
C LEU B 25 8.16 -6.67 26.69
N GLN B 26 8.84 -5.51 26.67
CA GLN B 26 9.97 -5.29 27.56
C GLN B 26 9.59 -5.45 29.02
N LYS B 27 8.36 -5.10 29.40
CA LYS B 27 7.95 -5.23 30.79
C LYS B 27 7.70 -6.68 31.18
N SER B 28 7.54 -7.57 30.21
CA SER B 28 7.13 -8.94 30.48
C SER B 28 8.33 -9.80 30.85
N GLU B 29 8.07 -11.09 31.09
CA GLU B 29 9.09 -12.06 31.44
C GLU B 29 9.75 -12.55 30.16
N LEU B 30 10.99 -12.13 29.92
CA LEU B 30 11.72 -12.54 28.72
C LEU B 30 13.17 -12.79 29.06
N SER B 31 13.80 -13.64 28.24
CA SER B 31 15.21 -13.96 28.42
C SER B 31 16.07 -12.77 28.04
N PRO B 32 17.35 -12.77 28.44
CA PRO B 32 18.22 -11.66 28.02
C PRO B 32 18.31 -11.50 26.51
N ARG B 33 18.35 -12.60 25.77
CA ARG B 33 18.45 -12.50 24.31
C ARG B 33 17.17 -11.89 23.74
N GLN B 34 16.01 -12.36 24.21
CA GLN B 34 14.75 -11.73 23.83
C GLN B 34 14.74 -10.25 24.17
N GLN B 35 15.01 -9.91 25.44
CA GLN B 35 15.14 -8.50 25.81
C GLN B 35 16.12 -7.78 24.89
N ASP B 36 17.28 -8.41 24.63
CA ASP B 36 18.25 -7.81 23.72
C ASP B 36 17.65 -7.65 22.33
N TYR B 37 16.95 -8.69 21.84
CA TYR B 37 16.26 -8.55 20.56
C TYR B 37 15.26 -7.40 20.59
N LEU B 38 14.59 -7.20 21.72
CA LEU B 38 13.64 -6.09 21.83
C LEU B 38 14.36 -4.74 21.83
N THR B 39 15.50 -4.65 22.51
CA THR B 39 16.21 -3.37 22.56
C THR B 39 16.58 -2.88 21.15
N THR B 40 16.88 -3.81 20.25
CA THR B 40 17.17 -3.42 18.87
C THR B 40 15.92 -2.89 18.18
N ILE B 41 14.77 -3.49 18.44
CA ILE B 41 13.52 -2.97 17.87
C ILE B 41 13.26 -1.56 18.38
N GLN B 42 13.35 -1.37 19.70
CA GLN B 42 13.18 -0.04 20.26
C GLN B 42 14.11 0.97 19.61
N LYS B 43 15.42 0.66 19.58
CA LYS B 43 16.39 1.57 18.99
C LYS B 43 16.04 1.90 17.55
N SER B 44 15.71 0.89 16.75
CA SER B 44 15.38 1.13 15.35
C SER B 44 14.11 1.96 15.23
N ALA B 45 13.09 1.62 15.99
CA ALA B 45 11.83 2.35 15.92
C ALA B 45 11.99 3.78 16.41
N GLU B 46 12.76 3.99 17.49
CA GLU B 46 12.99 5.34 17.97
C GLU B 46 13.78 6.16 16.96
N SER B 47 14.85 5.59 16.42
CA SER B 47 15.56 6.25 15.32
C SER B 47 14.61 6.60 14.19
N LEU B 48 13.72 5.67 13.84
CA LEU B 48 12.77 5.93 12.76
C LEU B 48 11.84 7.08 13.13
N LEU B 49 11.44 7.14 14.40
CA LEU B 49 10.60 8.23 14.87
C LEU B 49 11.35 9.55 14.89
N GLY B 50 12.68 9.50 15.03
CA GLY B 50 13.47 10.71 14.93
C GLY B 50 13.53 11.25 13.51
N ILE B 51 13.62 10.34 12.53
CA ILE B 51 13.66 10.76 11.14
C ILE B 51 12.35 11.43 10.74
N ILE B 52 11.22 10.78 10.98
CA ILE B 52 9.94 11.35 10.57
C ILE B 52 9.64 12.63 11.34
N ASN B 53 10.29 12.83 12.50
CA ASN B 53 10.19 14.14 13.14
C ASN B 53 10.92 15.20 12.33
N GLU B 54 12.12 14.89 11.85
CA GLU B 54 12.77 15.79 10.90
C GLU B 54 11.86 16.08 9.71
N ILE B 55 11.32 15.03 9.09
CA ILE B 55 10.54 15.22 7.87
C ILE B 55 9.36 16.15 8.14
N LEU B 56 8.77 16.05 9.34
CA LEU B 56 7.59 16.86 9.63
C LEU B 56 7.96 18.32 9.86
N ASP B 57 9.14 18.59 10.43
CA ASP B 57 9.63 19.97 10.43
C ASP B 57 10.18 20.38 9.06
N PHE B 58 10.77 19.44 8.32
CA PHE B 58 11.28 19.76 6.99
C PHE B 58 10.18 20.26 6.08
N SER B 59 8.97 19.70 6.22
CA SER B 59 7.84 20.15 5.43
C SER B 59 7.43 21.57 5.78
N LYS B 60 7.80 22.07 6.96
CA LYS B 60 7.32 23.35 7.47
C LYS B 60 8.14 24.51 6.91
#